data_2AI3
#
_entry.id   2AI3
#
_cell.length_a   93.992
_cell.length_b   93.992
_cell.length_c   93.992
_cell.angle_alpha   90.00
_cell.angle_beta   90.00
_cell.angle_gamma   90.00
#
_symmetry.space_group_name_H-M   'P 21 3'
#
loop_
_entity.id
_entity.type
_entity.pdbx_description
1 polymer 'Purine nucleoside phosphorylase'
2 non-polymer 'MAGNESIUM ION'
3 non-polymer 'ZINC ION'
4 non-polymer TRIS-HYDROXYMETHYL-METHYL-AMMONIUM
5 non-polymer '(2S,4R,6R,6AS)-4-(2-AMINO-6-OXO-1,6-DIHYDROPURIN-9-YL)-6-(HYDROXYMETHYL)-TETRAHYDROFURO[3,4-D][1,3]DIOXOL-2-YLPHOSPHONI C ACID'
6 water water
#
_entity_poly.entity_id   1
_entity_poly.type   'polypeptide(L)'
_entity_poly.pdbx_seq_one_letter_code
;MQNGYTYEDYQDTAKWLLSHTEQRPQVAVICGSGLGGLVNKLTQAQTFDYSEIPNFPESTVPGHAGRLVFGILNGRACVM
MQGRFHMYEGYPFWKVTFPVRVFRLLGVETLVVTNAAGGLNPNFEVGDIMLIRDHINLPGFSGENPLRGPNEERFGVRFP
AMSDAYDRDMRQKAHSTWKQMGEQRELQEGTYVMLGGPNFETVAECRLLRNLGADAVGMSTVPEVIVARHCGLRVFGFSL
ITNKVIMDYESQGKANHEEVLEAGKQAAQKLEQFVSLLMASIPVSGHTG
;
_entity_poly.pdbx_strand_id   A
#
loop_
_chem_comp.id
_chem_comp.type
_chem_comp.name
_chem_comp.formula
144 non-polymer TRIS-HYDROXYMETHYL-METHYL-AMMONIUM 'C4 H12 N O3 1'
MG non-polymer 'MAGNESIUM ION' 'Mg 2'
P2G non-polymer '(2S,4R,6R,6AS)-4-(2-AMINO-6-OXO-1,6-DIHYDROPURIN-9-YL)-6-(HYDROXYMETHYL)-TETRAHYDROFURO[3,4-D][1,3]DIOXOL-2-YLPHOSPHONI C ACID' 'C11 H14 N5 O8 P'
ZN non-polymer 'ZINC ION' 'Zn 2'
#
# COMPACT_ATOMS: atom_id res chain seq x y z
N ASN A 3 -6.97 1.05 -18.97
CA ASN A 3 -6.16 2.30 -19.04
C ASN A 3 -6.80 3.37 -19.91
N GLY A 4 -7.51 4.29 -19.26
CA GLY A 4 -8.15 5.38 -19.99
C GLY A 4 -7.18 6.53 -20.12
N TYR A 5 -5.96 6.31 -19.66
CA TYR A 5 -4.90 7.33 -19.70
C TYR A 5 -3.91 7.00 -20.82
N THR A 6 -3.43 8.03 -21.53
CA THR A 6 -2.43 7.82 -22.57
C THR A 6 -1.07 7.86 -21.87
N TYR A 7 -0.01 7.43 -22.54
CA TYR A 7 1.30 7.46 -21.92
C TYR A 7 1.64 8.93 -21.63
N GLU A 8 1.22 9.79 -22.54
CA GLU A 8 1.45 11.23 -22.42
C GLU A 8 0.80 11.83 -21.18
N ASP A 9 -0.34 11.31 -20.77
CA ASP A 9 -1.01 11.82 -19.57
C ASP A 9 -0.11 11.64 -18.35
N TYR A 10 0.50 10.46 -18.23
CA TYR A 10 1.39 10.17 -17.11
C TYR A 10 2.56 11.15 -17.14
N GLN A 11 3.10 11.37 -18.34
CA GLN A 11 4.22 12.29 -18.53
C GLN A 11 3.86 13.71 -18.13
N ASP A 12 2.66 14.17 -18.51
CA ASP A 12 2.22 15.52 -18.18
C ASP A 12 2.14 15.72 -16.67
N THR A 13 1.60 14.73 -15.97
CA THR A 13 1.47 14.81 -14.52
C THR A 13 2.84 14.82 -13.83
N ALA A 14 3.73 13.93 -14.27
CA ALA A 14 5.07 13.86 -13.69
C ALA A 14 5.81 15.18 -13.90
N LYS A 15 5.67 15.75 -15.10
CA LYS A 15 6.33 17.01 -15.42
C LYS A 15 5.83 18.14 -14.52
N TRP A 16 4.52 18.15 -14.25
CA TRP A 16 3.92 19.17 -13.40
C TRP A 16 4.52 19.09 -12.01
N LEU A 17 4.60 17.88 -11.47
CA LEU A 17 5.15 17.69 -10.14
C LEU A 17 6.63 18.09 -10.06
N LEU A 18 7.41 17.70 -11.06
CA LEU A 18 8.83 18.03 -11.07
C LEU A 18 9.10 19.53 -11.12
N SER A 19 8.21 20.30 -11.72
CA SER A 19 8.44 21.74 -11.80
C SER A 19 7.84 22.52 -10.63
N HIS A 20 7.06 21.85 -9.78
CA HIS A 20 6.44 22.51 -8.63
C HIS A 20 7.07 22.24 -7.27
N THR A 21 8.07 21.36 -7.24
CA THR A 21 8.79 21.07 -6.00
C THR A 21 10.24 20.74 -6.35
N GLU A 22 11.16 21.02 -5.44
CA GLU A 22 12.56 20.70 -5.67
C GLU A 22 12.86 19.29 -5.18
N GLN A 23 11.92 18.72 -4.45
CA GLN A 23 12.05 17.37 -3.90
C GLN A 23 12.11 16.32 -5.01
N ARG A 24 13.00 15.34 -4.85
CA ARG A 24 13.16 14.27 -5.84
C ARG A 24 13.19 12.96 -5.04
N PRO A 25 12.02 12.40 -4.75
CA PRO A 25 11.85 11.16 -3.98
C PRO A 25 12.44 9.89 -4.59
N GLN A 26 12.95 9.03 -3.71
CA GLN A 26 13.51 7.75 -4.15
C GLN A 26 12.56 6.65 -3.66
N VAL A 27 11.73 7.00 -2.67
CA VAL A 27 10.77 6.07 -2.07
C VAL A 27 9.36 6.67 -2.00
N ALA A 28 8.35 5.86 -2.31
CA ALA A 28 6.97 6.31 -2.24
C ALA A 28 6.27 5.45 -1.20
N VAL A 29 5.43 6.08 -0.39
CA VAL A 29 4.69 5.36 0.65
C VAL A 29 3.20 5.65 0.54
N ILE A 30 2.38 4.60 0.45
CA ILE A 30 0.94 4.78 0.37
C ILE A 30 0.38 4.51 1.76
N CYS A 31 -0.18 5.56 2.38
CA CYS A 31 -0.75 5.46 3.72
C CYS A 31 -2.24 5.07 3.69
N GLY A 32 -2.56 3.95 4.33
CA GLY A 32 -3.93 3.46 4.37
C GLY A 32 -4.85 4.13 5.37
N SER A 33 -6.00 3.49 5.62
CA SER A 33 -6.99 4.01 6.55
C SER A 33 -6.44 4.24 7.96
N GLY A 34 -6.50 5.48 8.42
CA GLY A 34 -6.02 5.83 9.75
C GLY A 34 -4.52 5.73 9.91
N LEU A 35 -3.80 5.69 8.79
CA LEU A 35 -2.35 5.58 8.82
C LEU A 35 -1.69 6.82 8.21
N GLY A 36 -2.49 7.87 8.02
CA GLY A 36 -1.96 9.10 7.43
C GLY A 36 -1.15 10.00 8.35
N GLY A 37 -0.92 9.57 9.58
CA GLY A 37 -0.16 10.38 10.51
C GLY A 37 1.34 10.38 10.32
N LEU A 38 1.84 9.52 9.42
CA LEU A 38 3.26 9.43 9.17
C LEU A 38 3.86 10.68 8.52
N VAL A 39 3.06 11.37 7.71
CA VAL A 39 3.51 12.56 7.03
C VAL A 39 4.02 13.64 7.98
N ASN A 40 3.57 13.58 9.23
CA ASN A 40 3.95 14.58 10.24
C ASN A 40 5.44 14.64 10.58
N LYS A 41 6.17 13.55 10.34
CA LYS A 41 7.60 13.52 10.66
C LYS A 41 8.51 13.98 9.53
N LEU A 42 7.92 14.30 8.38
CA LEU A 42 8.70 14.76 7.23
C LEU A 42 9.31 16.14 7.42
N THR A 43 10.54 16.32 6.96
CA THR A 43 11.22 17.61 7.03
C THR A 43 11.24 18.20 5.62
N GLN A 44 11.31 19.53 5.53
CA GLN A 44 11.31 20.21 4.24
C GLN A 44 10.11 19.74 3.42
N ALA A 45 9.00 19.49 4.09
CA ALA A 45 7.80 18.99 3.43
C ALA A 45 7.08 19.96 2.51
N GLN A 46 6.43 19.38 1.49
CA GLN A 46 5.63 20.16 0.57
C GLN A 46 4.41 19.31 0.23
N THR A 47 3.23 19.87 0.44
CA THR A 47 1.97 19.17 0.19
C THR A 47 1.19 19.70 -1.01
N PHE A 48 0.56 18.80 -1.75
CA PHE A 48 -0.29 19.14 -2.90
C PHE A 48 -1.60 18.34 -2.73
N ASP A 49 -2.74 19.02 -2.66
CA ASP A 49 -4.00 18.28 -2.57
C ASP A 49 -4.14 17.54 -3.90
N TYR A 50 -4.73 16.36 -3.91
CA TYR A 50 -4.88 15.64 -5.18
C TYR A 50 -5.61 16.51 -6.20
N SER A 51 -6.52 17.35 -5.73
CA SER A 51 -7.29 18.21 -6.62
C SER A 51 -6.48 19.24 -7.39
N GLU A 52 -5.26 19.55 -6.94
CA GLU A 52 -4.45 20.52 -7.65
C GLU A 52 -3.57 19.90 -8.74
N ILE A 53 -3.42 18.58 -8.70
CA ILE A 53 -2.57 17.87 -9.66
C ILE A 53 -3.29 17.38 -10.91
N PRO A 54 -2.86 17.85 -12.10
CA PRO A 54 -3.52 17.42 -13.34
C PRO A 54 -3.62 15.89 -13.46
N ASN A 55 -4.80 15.41 -13.85
CA ASN A 55 -5.07 13.98 -14.06
C ASN A 55 -5.28 13.10 -12.82
N PHE A 56 -4.97 13.58 -11.62
CA PHE A 56 -5.15 12.74 -10.42
C PHE A 56 -6.61 12.38 -10.12
N PRO A 57 -6.85 11.15 -9.63
CA PRO A 57 -8.23 10.77 -9.31
C PRO A 57 -8.71 11.51 -8.07
N GLU A 58 -10.02 11.44 -7.81
CA GLU A 58 -10.61 12.10 -6.66
C GLU A 58 -10.67 11.17 -5.45
N SER A 59 -10.18 11.65 -4.30
CA SER A 59 -10.18 10.84 -3.09
C SER A 59 -11.39 11.12 -2.21
N GLY A 66 -7.78 14.00 -0.17
CA GLY A 66 -6.47 13.38 -0.07
C GLY A 66 -5.37 14.29 -0.57
N ARG A 67 -4.13 13.99 -0.17
CA ARG A 67 -3.02 14.81 -0.64
C ARG A 67 -1.71 14.05 -0.74
N LEU A 68 -0.81 14.60 -1.54
CA LEU A 68 0.52 14.04 -1.78
C LEU A 68 1.52 14.89 -1.01
N VAL A 69 2.36 14.27 -0.19
CA VAL A 69 3.33 15.04 0.57
C VAL A 69 4.76 14.57 0.31
N PHE A 70 5.60 15.50 -0.16
CA PHE A 70 7.01 15.23 -0.41
C PHE A 70 7.80 15.69 0.81
N GLY A 71 8.96 15.09 1.05
CA GLY A 71 9.78 15.50 2.19
C GLY A 71 10.90 14.51 2.48
N ILE A 72 11.64 14.79 3.54
CA ILE A 72 12.74 13.91 3.95
C ILE A 72 12.36 13.15 5.22
N LEU A 73 12.50 11.83 5.19
CA LEU A 73 12.20 11.02 6.36
C LEU A 73 13.42 10.20 6.76
N ASN A 74 14.00 10.54 7.90
CA ASN A 74 15.18 9.87 8.42
C ASN A 74 16.25 9.71 7.35
N GLY A 75 16.60 10.81 6.70
CA GLY A 75 17.63 10.79 5.67
C GLY A 75 17.24 10.46 4.25
N ARG A 76 16.05 9.90 4.05
CA ARG A 76 15.61 9.51 2.70
C ARG A 76 14.54 10.43 2.11
N ALA A 77 14.69 10.77 0.84
CA ALA A 77 13.70 11.62 0.16
C ALA A 77 12.50 10.74 -0.17
N CYS A 78 11.33 11.13 0.34
CA CYS A 78 10.10 10.34 0.11
C CYS A 78 8.94 11.16 -0.43
N VAL A 79 7.93 10.44 -0.92
CA VAL A 79 6.69 11.04 -1.38
C VAL A 79 5.61 10.12 -0.81
N MET A 80 4.66 10.69 -0.08
CA MET A 80 3.61 9.89 0.53
C MET A 80 2.20 10.21 0.08
N MET A 81 1.40 9.17 -0.09
CA MET A 81 -0.01 9.34 -0.46
C MET A 81 -0.79 9.32 0.84
N GLN A 82 -1.35 10.47 1.20
CA GLN A 82 -2.16 10.60 2.40
C GLN A 82 -3.57 10.34 1.92
N GLY A 83 -3.95 9.06 1.91
CA GLY A 83 -5.25 8.65 1.43
C GLY A 83 -5.06 7.95 0.10
N ARG A 84 -5.84 6.90 -0.15
CA ARG A 84 -5.73 6.16 -1.41
C ARG A 84 -7.09 6.03 -2.10
N PHE A 85 -7.14 5.30 -3.20
CA PHE A 85 -8.39 5.11 -3.94
C PHE A 85 -8.82 3.65 -3.85
N HIS A 86 -10.13 3.40 -3.91
CA HIS A 86 -10.63 2.03 -3.81
C HIS A 86 -11.61 1.64 -4.91
N MET A 87 -11.58 0.36 -5.27
CA MET A 87 -12.48 -0.16 -6.28
C MET A 87 -13.95 0.06 -5.89
N TYR A 88 -14.27 -0.07 -4.60
CA TYR A 88 -15.66 0.11 -4.17
C TYR A 88 -16.21 1.52 -4.34
N GLU A 89 -15.34 2.47 -4.65
CA GLU A 89 -15.78 3.84 -4.85
C GLU A 89 -16.33 3.99 -6.27
N GLY A 90 -16.12 2.96 -7.09
CA GLY A 90 -16.58 3.00 -8.47
C GLY A 90 -15.46 3.21 -9.47
N TYR A 91 -14.23 3.30 -8.97
CA TYR A 91 -13.06 3.50 -9.83
C TYR A 91 -12.49 2.23 -10.43
N PRO A 92 -12.17 2.25 -11.74
CA PRO A 92 -11.60 1.07 -12.40
C PRO A 92 -10.18 0.99 -11.85
N PHE A 93 -9.53 -0.16 -11.94
CA PHE A 93 -8.18 -0.25 -11.41
C PHE A 93 -7.15 0.64 -12.09
N TRP A 94 -7.40 1.05 -13.34
CA TRP A 94 -6.44 1.93 -14.01
C TRP A 94 -6.46 3.32 -13.41
N LYS A 95 -7.53 3.66 -12.69
CA LYS A 95 -7.61 4.97 -12.02
C LYS A 95 -7.02 4.79 -10.63
N VAL A 96 -7.38 3.69 -9.97
CA VAL A 96 -6.90 3.40 -8.63
C VAL A 96 -5.38 3.42 -8.57
N THR A 97 -4.75 2.88 -9.61
CA THR A 97 -3.29 2.78 -9.64
C THR A 97 -2.52 3.86 -10.41
N PHE A 98 -3.22 4.89 -10.92
CA PHE A 98 -2.57 5.97 -11.67
C PHE A 98 -1.30 6.53 -11.00
N PRO A 99 -1.37 6.85 -9.70
CA PRO A 99 -0.21 7.40 -8.98
C PRO A 99 1.07 6.56 -9.04
N VAL A 100 0.92 5.24 -9.01
CA VAL A 100 2.10 4.36 -9.04
C VAL A 100 2.97 4.57 -10.28
N ARG A 101 2.35 4.67 -11.45
CA ARG A 101 3.11 4.89 -12.68
C ARG A 101 3.71 6.29 -12.71
N VAL A 102 3.02 7.25 -12.09
CA VAL A 102 3.55 8.60 -12.05
C VAL A 102 4.83 8.58 -11.21
N PHE A 103 4.80 7.86 -10.08
CA PHE A 103 5.96 7.78 -9.20
C PHE A 103 7.17 7.23 -9.95
N ARG A 104 6.93 6.26 -10.83
CA ARG A 104 8.01 5.64 -11.61
C ARG A 104 8.61 6.70 -12.54
N LEU A 105 7.75 7.54 -13.11
CA LEU A 105 8.19 8.59 -14.02
C LEU A 105 8.89 9.75 -13.29
N LEU A 106 8.83 9.74 -11.97
CA LEU A 106 9.49 10.78 -11.16
C LEU A 106 10.88 10.30 -10.77
N GLY A 107 11.11 9.00 -10.92
CA GLY A 107 12.40 8.44 -10.55
C GLY A 107 12.37 7.61 -9.29
N VAL A 108 11.17 7.36 -8.75
CA VAL A 108 11.03 6.56 -7.54
C VAL A 108 11.47 5.14 -7.86
N GLU A 109 12.14 4.49 -6.92
CA GLU A 109 12.61 3.13 -7.13
C GLU A 109 11.97 2.09 -6.22
N THR A 110 11.41 2.52 -5.09
CA THR A 110 10.79 1.61 -4.13
C THR A 110 9.42 2.10 -3.68
N LEU A 111 8.50 1.16 -3.51
CA LEU A 111 7.14 1.49 -3.06
C LEU A 111 6.82 0.74 -1.77
N VAL A 112 6.39 1.48 -0.76
CA VAL A 112 6.00 0.93 0.53
C VAL A 112 4.47 1.07 0.60
N VAL A 113 3.77 -0.05 0.73
CA VAL A 113 2.31 -0.01 0.81
C VAL A 113 1.83 -0.49 2.17
N THR A 114 0.91 0.26 2.78
CA THR A 114 0.37 -0.09 4.09
C THR A 114 -1.15 -0.09 4.04
N ASN A 115 -1.78 -0.83 4.96
CA ASN A 115 -3.23 -0.88 5.02
C ASN A 115 -3.72 -1.38 6.36
N ALA A 116 -5.03 -1.31 6.56
CA ALA A 116 -5.67 -1.80 7.76
C ALA A 116 -6.41 -3.05 7.30
N ALA A 117 -6.32 -4.13 8.09
CA ALA A 117 -6.97 -5.37 7.69
C ALA A 117 -7.58 -6.19 8.84
N GLY A 118 -8.47 -7.10 8.47
CA GLY A 118 -9.11 -7.97 9.44
C GLY A 118 -8.25 -9.22 9.57
N GLY A 119 -8.06 -9.68 10.80
CA GLY A 119 -7.24 -10.87 11.02
C GLY A 119 -7.96 -12.18 10.87
N LEU A 120 -7.49 -13.01 9.94
CA LEU A 120 -8.08 -14.32 9.70
C LEU A 120 -7.28 -15.41 10.45
N ASN A 121 -5.98 -15.18 10.63
CA ASN A 121 -5.12 -16.12 11.35
C ASN A 121 -5.50 -16.05 12.82
N PRO A 122 -5.87 -17.19 13.42
CA PRO A 122 -6.28 -17.30 14.84
C PRO A 122 -5.26 -16.79 15.85
N ASN A 123 -3.98 -16.81 15.49
CA ASN A 123 -2.91 -16.36 16.38
C ASN A 123 -2.70 -14.86 16.38
N PHE A 124 -3.20 -14.18 15.36
CA PHE A 124 -3.07 -12.72 15.28
C PHE A 124 -3.89 -12.09 16.40
N GLU A 125 -3.49 -10.88 16.80
CA GLU A 125 -4.18 -10.14 17.84
C GLU A 125 -4.29 -8.68 17.41
N VAL A 126 -5.27 -7.96 17.95
CA VAL A 126 -5.45 -6.56 17.61
C VAL A 126 -4.16 -5.80 17.87
N GLY A 127 -3.77 -4.95 16.92
CA GLY A 127 -2.56 -4.17 17.09
C GLY A 127 -1.34 -4.78 16.44
N ASP A 128 -1.44 -6.05 16.05
CA ASP A 128 -0.32 -6.74 15.40
C ASP A 128 0.00 -6.10 14.07
N ILE A 129 1.28 -6.14 13.71
CA ILE A 129 1.72 -5.62 12.42
C ILE A 129 2.13 -6.85 11.60
N MET A 130 1.45 -7.07 10.48
CA MET A 130 1.76 -8.22 9.63
C MET A 130 2.47 -7.85 8.36
N LEU A 131 3.71 -8.30 8.25
CA LEU A 131 4.50 -8.07 7.06
C LEU A 131 3.82 -8.89 5.95
N ILE A 132 3.59 -8.29 4.79
CA ILE A 132 2.97 -9.02 3.68
C ILE A 132 4.00 -9.83 2.92
N ARG A 133 3.90 -11.16 3.01
CA ARG A 133 4.83 -12.04 2.31
C ARG A 133 4.30 -12.47 0.95
N ASP A 134 2.98 -12.40 0.78
CA ASP A 134 2.34 -12.83 -0.46
C ASP A 134 0.90 -12.33 -0.45
N HIS A 135 0.20 -12.49 -1.58
CA HIS A 135 -1.20 -12.07 -1.65
C HIS A 135 -2.05 -12.99 -2.54
N ILE A 136 -3.36 -12.82 -2.45
CA ILE A 136 -4.32 -13.56 -3.26
C ILE A 136 -5.20 -12.48 -3.89
N ASN A 137 -5.20 -12.42 -5.22
CA ASN A 137 -5.99 -11.40 -5.92
C ASN A 137 -7.32 -11.97 -6.44
N LEU A 138 -8.36 -11.93 -5.62
CA LEU A 138 -9.66 -12.46 -6.04
C LEU A 138 -10.27 -11.73 -7.25
N PRO A 139 -10.24 -10.38 -7.27
CA PRO A 139 -10.81 -9.70 -8.44
C PRO A 139 -10.07 -10.12 -9.72
N GLY A 140 -8.77 -10.39 -9.58
CA GLY A 140 -7.96 -10.79 -10.71
C GLY A 140 -8.38 -12.12 -11.31
N PHE A 141 -8.93 -13.01 -10.49
CA PHE A 141 -9.36 -14.32 -11.00
C PHE A 141 -10.42 -14.14 -12.09
N SER A 142 -11.22 -13.07 -11.98
CA SER A 142 -12.29 -12.81 -12.95
C SER A 142 -11.95 -11.80 -14.04
N GLY A 143 -10.69 -11.40 -14.14
CA GLY A 143 -10.29 -10.46 -15.17
C GLY A 143 -10.18 -9.00 -14.76
N GLU A 144 -10.68 -8.64 -13.58
CA GLU A 144 -10.60 -7.26 -13.12
C GLU A 144 -9.13 -7.06 -12.73
N ASN A 145 -8.36 -6.45 -13.62
CA ASN A 145 -6.93 -6.28 -13.39
C ASN A 145 -6.44 -4.94 -13.96
N PRO A 146 -5.57 -4.21 -13.24
CA PRO A 146 -5.08 -2.93 -13.74
C PRO A 146 -4.26 -3.02 -15.03
N LEU A 147 -3.81 -4.23 -15.36
CA LEU A 147 -3.02 -4.46 -16.56
C LEU A 147 -3.87 -4.90 -17.74
N ARG A 148 -5.18 -5.04 -17.53
CA ARG A 148 -6.05 -5.46 -18.63
C ARG A 148 -6.06 -4.41 -19.74
N GLY A 149 -5.95 -4.87 -20.97
CA GLY A 149 -5.92 -3.99 -22.12
C GLY A 149 -4.58 -4.06 -22.82
N PRO A 150 -4.34 -3.23 -23.85
CA PRO A 150 -3.07 -3.23 -24.58
C PRO A 150 -1.92 -2.98 -23.60
N ASN A 151 -0.82 -3.70 -23.78
CA ASN A 151 0.33 -3.53 -22.89
C ASN A 151 1.22 -2.39 -23.38
N GLU A 152 1.67 -1.56 -22.45
CA GLU A 152 2.55 -0.44 -22.77
C GLU A 152 3.97 -0.85 -22.41
N GLU A 153 4.76 -1.19 -23.42
CA GLU A 153 6.13 -1.64 -23.22
C GLU A 153 7.04 -0.64 -22.53
N ARG A 154 6.72 0.65 -22.63
CA ARG A 154 7.52 1.66 -21.98
C ARG A 154 7.45 1.52 -20.45
N PHE A 155 6.46 0.77 -19.96
CA PHE A 155 6.32 0.54 -18.52
C PHE A 155 6.81 -0.86 -18.14
N GLY A 156 6.34 -1.88 -18.86
CA GLY A 156 6.76 -3.23 -18.53
C GLY A 156 6.35 -4.28 -19.56
N VAL A 157 6.48 -5.56 -19.20
CA VAL A 157 6.15 -6.66 -20.10
C VAL A 157 4.69 -7.09 -20.08
N ARG A 158 4.30 -7.83 -21.12
CA ARG A 158 2.92 -8.31 -21.25
C ARG A 158 2.50 -9.30 -20.15
N PHE A 159 3.39 -10.21 -19.78
CA PHE A 159 3.08 -11.22 -18.76
C PHE A 159 4.05 -11.16 -17.58
N PRO A 160 3.88 -10.17 -16.69
CA PRO A 160 4.78 -10.07 -15.55
C PRO A 160 4.60 -11.14 -14.48
N ALA A 161 5.71 -11.57 -13.89
CA ALA A 161 5.67 -12.55 -12.82
C ALA A 161 5.25 -11.83 -11.55
N MET A 162 4.53 -12.54 -10.68
CA MET A 162 4.06 -11.93 -9.43
C MET A 162 4.46 -12.74 -8.20
N SER A 163 5.06 -13.91 -8.40
CA SER A 163 5.45 -14.76 -7.28
C SER A 163 6.56 -14.18 -6.40
N ASP A 164 7.29 -13.20 -6.92
CA ASP A 164 8.38 -12.59 -6.15
C ASP A 164 8.11 -11.09 -5.95
N ALA A 165 6.84 -10.74 -5.83
CA ALA A 165 6.42 -9.34 -5.67
C ALA A 165 6.93 -8.63 -4.43
N TYR A 166 6.88 -9.31 -3.29
CA TYR A 166 7.33 -8.69 -2.05
C TYR A 166 8.79 -8.99 -1.76
N ASP A 167 9.63 -7.99 -2.03
CA ASP A 167 11.08 -8.07 -1.86
C ASP A 167 11.53 -8.82 -0.62
N ARG A 168 12.29 -9.89 -0.83
CA ARG A 168 12.80 -10.71 0.26
C ARG A 168 13.85 -9.97 1.09
N ASP A 169 14.71 -9.19 0.44
CA ASP A 169 15.74 -8.45 1.16
C ASP A 169 15.14 -7.47 2.16
N MET A 170 14.12 -6.74 1.72
CA MET A 170 13.48 -5.77 2.61
C MET A 170 12.74 -6.44 3.76
N ARG A 171 12.17 -7.61 3.52
CA ARG A 171 11.46 -8.31 4.57
C ARG A 171 12.40 -8.77 5.68
N GLN A 172 13.65 -9.09 5.32
CA GLN A 172 14.60 -9.50 6.34
C GLN A 172 15.11 -8.24 7.04
N LYS A 173 15.27 -7.15 6.30
CA LYS A 173 15.72 -5.89 6.90
C LYS A 173 14.65 -5.44 7.89
N ALA A 174 13.39 -5.72 7.53
CA ALA A 174 12.26 -5.34 8.38
C ALA A 174 12.32 -6.07 9.71
N HIS A 175 12.63 -7.37 9.66
CA HIS A 175 12.73 -8.17 10.88
C HIS A 175 13.90 -7.72 11.76
N SER A 176 15.01 -7.34 11.14
CA SER A 176 16.19 -6.89 11.91
C SER A 176 15.88 -5.57 12.58
N THR A 177 15.20 -4.68 11.86
CA THR A 177 14.83 -3.37 12.39
C THR A 177 13.86 -3.53 13.56
N TRP A 178 12.90 -4.44 13.42
CA TRP A 178 11.91 -4.66 14.47
C TRP A 178 12.58 -5.21 15.73
N LYS A 179 13.72 -5.86 15.56
CA LYS A 179 14.44 -6.40 16.71
C LYS A 179 15.18 -5.29 17.45
N GLN A 180 15.73 -4.33 16.70
CA GLN A 180 16.46 -3.23 17.31
C GLN A 180 15.51 -2.31 18.09
N MET A 181 14.23 -2.35 17.72
CA MET A 181 13.22 -1.54 18.39
C MET A 181 12.89 -2.09 19.78
N GLY A 182 13.14 -3.37 19.97
CA GLY A 182 12.87 -4.00 21.25
C GLY A 182 11.39 -4.17 21.56
N GLU A 183 10.61 -4.53 20.55
CA GLU A 183 9.18 -4.75 20.73
C GLU A 183 8.94 -6.09 21.41
N GLN A 184 7.96 -6.15 22.30
CA GLN A 184 7.64 -7.37 23.03
C GLN A 184 6.89 -8.36 22.14
N ARG A 185 6.04 -7.84 21.27
CA ARG A 185 5.25 -8.67 20.36
C ARG A 185 6.05 -8.90 19.09
N GLU A 186 6.08 -10.14 18.63
CA GLU A 186 6.82 -10.49 17.42
C GLU A 186 6.17 -9.86 16.19
N LEU A 187 6.99 -9.57 15.18
CA LEU A 187 6.49 -9.01 13.94
C LEU A 187 5.87 -10.19 13.19
N GLN A 188 4.59 -10.08 12.85
CA GLN A 188 3.90 -11.14 12.15
C GLN A 188 4.15 -11.09 10.63
N GLU A 189 3.84 -12.19 9.96
CA GLU A 189 3.99 -12.31 8.51
C GLU A 189 2.82 -13.14 8.01
N GLY A 190 2.40 -12.89 6.77
CA GLY A 190 1.30 -13.64 6.23
C GLY A 190 0.87 -13.26 4.84
N THR A 191 -0.21 -13.89 4.40
CA THR A 191 -0.78 -13.66 3.08
C THR A 191 -1.99 -12.74 3.19
N TYR A 192 -2.00 -11.71 2.35
CA TYR A 192 -3.10 -10.74 2.31
C TYR A 192 -4.02 -11.06 1.16
N VAL A 193 -5.33 -11.10 1.41
CA VAL A 193 -6.29 -11.34 0.35
C VAL A 193 -7.14 -10.09 0.15
N MET A 194 -7.36 -9.72 -1.10
CA MET A 194 -8.16 -8.54 -1.37
C MET A 194 -9.51 -8.90 -1.99
N LEU A 195 -10.56 -8.25 -1.50
CA LEU A 195 -11.90 -8.42 -2.05
C LEU A 195 -12.43 -7.01 -2.30
N GLY A 196 -13.44 -6.90 -3.14
CA GLY A 196 -13.97 -5.59 -3.50
C GLY A 196 -14.63 -4.69 -2.48
N GLY A 197 -15.47 -5.25 -1.62
CA GLY A 197 -16.17 -4.41 -0.64
C GLY A 197 -17.36 -3.75 -1.34
N PRO A 198 -17.98 -2.72 -0.76
CA PRO A 198 -17.67 -2.07 0.52
C PRO A 198 -18.26 -2.70 1.78
N ASN A 199 -19.16 -3.67 1.63
CA ASN A 199 -19.74 -4.32 2.81
C ASN A 199 -18.71 -5.23 3.47
N PHE A 200 -18.89 -5.51 4.75
CA PHE A 200 -17.99 -6.41 5.45
C PHE A 200 -18.45 -7.85 5.22
N GLU A 201 -17.54 -8.80 5.40
CA GLU A 201 -17.82 -10.22 5.15
C GLU A 201 -18.77 -10.95 6.11
N THR A 202 -19.41 -11.99 5.58
CA THR A 202 -20.30 -12.82 6.38
C THR A 202 -19.42 -13.86 7.03
N VAL A 203 -19.95 -14.59 8.00
CA VAL A 203 -19.17 -15.63 8.67
C VAL A 203 -18.74 -16.72 7.69
N ALA A 204 -19.65 -17.12 6.80
CA ALA A 204 -19.34 -18.15 5.82
C ALA A 204 -18.20 -17.72 4.90
N GLU A 205 -18.18 -16.44 4.54
CA GLU A 205 -17.13 -15.91 3.67
C GLU A 205 -15.80 -15.89 4.41
N CYS A 206 -15.85 -15.52 5.69
CA CYS A 206 -14.63 -15.47 6.50
C CYS A 206 -13.99 -16.85 6.62
N ARG A 207 -14.81 -17.87 6.87
CA ARG A 207 -14.31 -19.24 6.99
C ARG A 207 -13.66 -19.69 5.68
N LEU A 208 -14.32 -19.35 4.58
CA LEU A 208 -13.84 -19.69 3.24
C LEU A 208 -12.47 -19.07 2.97
N LEU A 209 -12.35 -17.77 3.22
CA LEU A 209 -11.10 -17.05 3.00
C LEU A 209 -9.95 -17.63 3.81
N ARG A 210 -10.23 -18.07 5.03
CA ARG A 210 -9.18 -18.65 5.86
C ARG A 210 -8.70 -19.96 5.25
N ASN A 211 -9.63 -20.76 4.75
CA ASN A 211 -9.27 -22.04 4.14
C ASN A 211 -8.54 -21.88 2.81
N LEU A 212 -8.58 -20.68 2.24
CA LEU A 212 -7.88 -20.41 0.98
C LEU A 212 -6.41 -20.11 1.32
N GLY A 213 -6.11 -20.03 2.61
CA GLY A 213 -4.75 -19.75 3.04
C GLY A 213 -4.47 -18.28 3.37
N ALA A 214 -5.50 -17.47 3.49
CA ALA A 214 -5.33 -16.05 3.79
C ALA A 214 -5.18 -15.80 5.29
N ASP A 215 -4.31 -14.86 5.64
CA ASP A 215 -4.07 -14.51 7.04
C ASP A 215 -4.71 -13.18 7.42
N ALA A 216 -4.91 -12.32 6.43
CA ALA A 216 -5.52 -11.01 6.66
C ALA A 216 -6.37 -10.63 5.43
N VAL A 217 -7.46 -9.89 5.65
CA VAL A 217 -8.34 -9.50 4.54
C VAL A 217 -8.61 -7.99 4.50
N GLY A 218 -8.56 -7.43 3.29
CA GLY A 218 -8.81 -6.01 3.11
C GLY A 218 -9.41 -5.67 1.76
N MET A 219 -9.56 -4.37 1.46
CA MET A 219 -10.15 -3.94 0.19
C MET A 219 -9.22 -3.11 -0.71
N SER A 220 -7.90 -3.29 -0.58
CA SER A 220 -6.97 -2.49 -1.39
C SER A 220 -5.63 -3.18 -1.59
N THR A 221 -4.63 -2.34 -1.88
CA THR A 221 -3.22 -2.75 -2.01
C THR A 221 -2.77 -3.64 -3.17
N VAL A 222 -3.44 -4.77 -3.37
CA VAL A 222 -3.06 -5.69 -4.45
C VAL A 222 -2.92 -5.03 -5.83
N PRO A 223 -3.87 -4.18 -6.24
CA PRO A 223 -3.77 -3.54 -7.56
C PRO A 223 -2.50 -2.69 -7.69
N GLU A 224 -2.21 -1.94 -6.63
CA GLU A 224 -1.03 -1.07 -6.62
C GLU A 224 0.25 -1.91 -6.71
N VAL A 225 0.29 -3.02 -6.00
CA VAL A 225 1.48 -3.90 -6.03
C VAL A 225 1.71 -4.47 -7.43
N ILE A 226 0.64 -4.90 -8.09
CA ILE A 226 0.75 -5.45 -9.43
C ILE A 226 1.31 -4.42 -10.40
N VAL A 227 0.80 -3.20 -10.35
CA VAL A 227 1.29 -2.16 -11.24
C VAL A 227 2.74 -1.77 -10.93
N ALA A 228 3.09 -1.73 -9.66
CA ALA A 228 4.45 -1.39 -9.24
C ALA A 228 5.45 -2.41 -9.77
N ARG A 229 5.10 -3.70 -9.67
CA ARG A 229 5.99 -4.73 -10.16
C ARG A 229 6.11 -4.70 -11.67
N HIS A 230 5.01 -4.40 -12.36
CA HIS A 230 5.02 -4.31 -13.81
C HIS A 230 6.02 -3.26 -14.28
N CYS A 231 6.04 -2.09 -13.63
CA CYS A 231 6.96 -1.05 -14.06
C CYS A 231 8.34 -1.07 -13.39
N GLY A 232 8.66 -2.15 -12.69
CA GLY A 232 9.97 -2.29 -12.10
C GLY A 232 10.29 -1.81 -10.69
N LEU A 233 9.29 -1.44 -9.91
CA LEU A 233 9.53 -0.96 -8.55
C LEU A 233 9.73 -2.08 -7.53
N ARG A 234 10.60 -1.85 -6.56
CA ARG A 234 10.84 -2.80 -5.47
C ARG A 234 9.63 -2.59 -4.55
N VAL A 235 9.03 -3.68 -4.07
CA VAL A 235 7.85 -3.55 -3.20
C VAL A 235 7.97 -4.17 -1.81
N PHE A 236 7.52 -3.39 -0.82
CA PHE A 236 7.52 -3.81 0.58
C PHE A 236 6.19 -3.34 1.18
N GLY A 237 5.60 -4.12 2.07
CA GLY A 237 4.34 -3.71 2.66
C GLY A 237 3.90 -4.44 3.93
N PHE A 238 2.93 -3.85 4.62
CA PHE A 238 2.40 -4.45 5.84
C PHE A 238 0.97 -4.03 6.16
N SER A 239 0.32 -4.86 6.96
CA SER A 239 -1.04 -4.62 7.40
C SER A 239 -1.11 -4.44 8.91
N LEU A 240 -1.94 -3.50 9.34
CA LEU A 240 -2.16 -3.26 10.76
C LEU A 240 -3.44 -4.05 11.04
N ILE A 241 -3.34 -5.07 11.89
CA ILE A 241 -4.52 -5.87 12.22
C ILE A 241 -5.37 -5.07 13.18
N THR A 242 -6.47 -4.52 12.68
CA THR A 242 -7.36 -3.70 13.50
C THR A 242 -8.44 -4.47 14.24
N ASN A 243 -8.65 -5.73 13.87
CA ASN A 243 -9.67 -6.53 14.52
C ASN A 243 -9.59 -8.01 14.14
N LYS A 244 -10.05 -8.87 15.04
CA LYS A 244 -10.08 -10.30 14.80
C LYS A 244 -11.45 -10.65 14.25
N VAL A 245 -11.51 -11.15 13.01
CA VAL A 245 -12.78 -11.50 12.41
C VAL A 245 -13.41 -12.71 13.10
N ILE A 246 -14.72 -12.66 13.32
CA ILE A 246 -15.43 -13.76 13.96
C ILE A 246 -15.63 -14.90 12.96
N MET A 247 -15.32 -16.12 13.39
CA MET A 247 -15.43 -17.30 12.54
C MET A 247 -16.59 -18.21 12.93
N ASP A 248 -17.41 -17.77 13.86
CA ASP A 248 -18.54 -18.58 14.31
C ASP A 248 -19.81 -17.76 14.46
N TYR A 249 -20.93 -18.44 14.64
CA TYR A 249 -22.21 -17.78 14.81
C TYR A 249 -22.53 -17.56 16.29
N LYS A 254 -19.98 -6.76 16.05
CA LYS A 254 -19.90 -6.56 14.60
C LYS A 254 -18.74 -5.64 14.26
N ALA A 255 -18.44 -5.55 12.97
CA ALA A 255 -17.34 -4.71 12.50
C ALA A 255 -17.85 -3.40 11.91
N ASN A 256 -17.21 -2.30 12.27
CA ASN A 256 -17.59 -0.97 11.78
C ASN A 256 -16.36 -0.22 11.30
N HIS A 257 -16.55 1.02 10.85
CA HIS A 257 -15.46 1.84 10.35
C HIS A 257 -14.67 2.55 11.45
N GLU A 258 -15.36 2.96 12.51
CA GLU A 258 -14.72 3.66 13.61
C GLU A 258 -13.81 2.75 14.42
N GLU A 259 -13.98 1.44 14.26
CA GLU A 259 -13.18 0.45 14.95
C GLU A 259 -11.77 0.43 14.36
N VAL A 260 -11.71 0.53 13.04
CA VAL A 260 -10.43 0.53 12.33
C VAL A 260 -9.81 1.93 12.42
N LEU A 261 -10.67 2.93 12.56
CA LEU A 261 -10.23 4.32 12.66
C LEU A 261 -9.57 4.54 14.03
N GLU A 262 -10.17 3.96 15.06
CA GLU A 262 -9.65 4.09 16.42
C GLU A 262 -8.37 3.27 16.56
N ALA A 263 -8.37 2.08 15.96
CA ALA A 263 -7.20 1.20 16.02
C ALA A 263 -6.01 1.87 15.35
N GLY A 264 -6.30 2.76 14.40
CA GLY A 264 -5.24 3.47 13.70
C GLY A 264 -4.40 4.32 14.62
N LYS A 265 -5.06 5.18 15.39
CA LYS A 265 -4.37 6.06 16.33
C LYS A 265 -3.76 5.23 17.47
N GLN A 266 -4.33 4.05 17.70
CA GLN A 266 -3.85 3.15 18.75
C GLN A 266 -2.38 2.78 18.58
N ALA A 267 -2.02 2.35 17.37
CA ALA A 267 -0.65 1.95 17.09
C ALA A 267 0.09 2.96 16.20
N ALA A 268 -0.19 4.25 16.41
CA ALA A 268 0.43 5.30 15.62
C ALA A 268 1.91 5.46 15.96
N GLN A 269 2.22 5.59 17.24
CA GLN A 269 3.60 5.75 17.69
C GLN A 269 4.47 4.57 17.25
N LYS A 270 3.84 3.41 17.13
CA LYS A 270 4.54 2.18 16.73
C LYS A 270 4.89 2.18 15.25
N LEU A 271 3.88 2.39 14.40
CA LEU A 271 4.07 2.40 12.97
C LEU A 271 5.02 3.50 12.49
N GLU A 272 4.87 4.69 13.06
CA GLU A 272 5.72 5.81 12.68
C GLU A 272 7.20 5.54 12.92
N GLN A 273 7.50 4.94 14.06
CA GLN A 273 8.89 4.62 14.40
C GLN A 273 9.43 3.57 13.43
N PHE A 274 8.64 2.53 13.22
CA PHE A 274 9.00 1.42 12.33
C PHE A 274 9.31 1.86 10.91
N VAL A 275 8.37 2.59 10.30
CA VAL A 275 8.57 3.07 8.93
C VAL A 275 9.77 4.00 8.83
N SER A 276 9.93 4.86 9.83
CA SER A 276 11.04 5.81 9.84
C SER A 276 12.39 5.11 9.85
N LEU A 277 12.50 4.05 10.65
CA LEU A 277 13.74 3.29 10.76
C LEU A 277 14.06 2.52 9.48
N LEU A 278 13.03 1.98 8.84
CA LEU A 278 13.20 1.21 7.61
C LEU A 278 13.81 2.03 6.48
N MET A 279 13.65 3.35 6.54
CA MET A 279 14.21 4.22 5.51
C MET A 279 15.73 4.10 5.51
N ALA A 280 16.30 3.87 6.68
CA ALA A 280 17.75 3.74 6.83
C ALA A 280 18.32 2.68 5.91
N SER A 281 17.65 1.53 5.82
CA SER A 281 18.10 0.44 4.97
C SER A 281 16.98 0.06 4.01
N ILE A 282 17.09 0.50 2.76
CA ILE A 282 16.08 0.21 1.75
C ILE A 282 16.56 -0.69 0.62
N PRO A 283 17.75 -0.42 0.04
CA PRO A 283 18.69 0.68 0.34
C PRO A 283 18.51 1.86 -0.61
N VAL A 284 19.63 2.37 -1.12
CA VAL A 284 19.62 3.49 -2.04
C VAL A 284 20.01 3.05 -3.46
MG MG B . -8.43 16.94 -11.03
ZN ZN C . 2.03 26.28 -11.08
C1 144 D . -1.61 26.78 -5.10
N 144 D . -2.54 26.67 -3.88
C2 144 D . -3.91 26.20 -4.39
O2 144 D . -3.88 24.94 -5.11
C3 144 D . -2.70 28.02 -3.14
O3 144 D . -3.28 29.04 -4.02
C4 144 D . -2.06 25.63 -2.88
O4 144 D . -0.72 25.79 -2.39
O6 P2G E . -12.66 -7.71 8.36
C6 P2G E . -12.33 -6.89 7.51
N1 P2G E . -12.70 -7.13 6.16
C2 P2G E . -12.38 -6.22 5.14
N2 P2G E . -12.62 -6.51 3.88
N3 P2G E . -11.74 -5.09 5.52
C4 P2G E . -11.38 -4.82 6.79
C5 P2G E . -11.65 -5.72 7.84
N7 P2G E . -11.12 -5.21 8.95
C8 P2G E . -10.54 -4.06 8.62
N9 P2G E . -10.71 -3.80 7.33
C1' P2G E . -10.51 -2.43 6.79
O4' P2G E . -11.79 -1.79 6.91
C2' P2G E . -10.07 -2.21 5.34
O2' P2G E . -8.78 -1.58 5.17
C1 P2G E . -8.97 -0.25 4.65
P P2G E . -7.59 0.26 3.54
O3 P2G E . -7.96 1.58 2.71
O4 P2G E . -7.45 -0.96 2.50
O2 P2G E . -6.36 0.47 4.33
O3' P2G E . -10.25 -0.35 4.00
C3' P2G E . -11.09 -1.24 4.76
C4' P2G E . -11.75 -0.67 6.02
C5' P2G E . -13.16 -0.12 5.77
O5' P2G E . -13.74 0.22 7.03
#